data_3RIJ
#
_entry.id   3RIJ
#
_cell.length_a   70.0
_cell.length_b   70.0
_cell.length_c   131.4
_cell.angle_alpha   90.00
_cell.angle_beta   90.00
_cell.angle_gamma   90.00
#
_symmetry.space_group_name_H-M   'P 43'
#
loop_
_entity.id
_entity.type
_entity.pdbx_description
1 polymer SC_2cx5
2 non-polymer GLYCEROL
3 water water
#
_entity_poly.entity_id   1
_entity_poly.type   'polypeptide(L)'
_entity_poly.pdbx_seq_one_letter_code
;SLSPSARRVQGALETRGFGHLKVVELPASTRTAKEAAQAVGAEVGQIVKSLVYGGEKGAYLFLVSGKNRLDLGKATRLVG
GPLLEADKWAVAALTGFDAGGVPPVGHNTPLPAYLDEDLLGYPEVWAAGGTPRALFRATPKELLALTGAQVADLKEGLEH
HHHHH
;
_entity_poly.pdbx_strand_id   A,B,C,D
#
loop_
_chem_comp.id
_chem_comp.type
_chem_comp.name
_chem_comp.formula
GOL non-polymer GLYCEROL 'C3 H8 O3'
#
# COMPACT_ATOMS: atom_id res chain seq x y z
N SER A 1 -2.19 1.61 12.43
CA SER A 1 -1.08 0.65 12.14
C SER A 1 -1.37 -0.75 12.68
N LEU A 2 -1.11 -1.75 11.84
CA LEU A 2 -1.34 -3.15 12.19
C LEU A 2 -0.16 -3.69 13.00
N SER A 3 -0.41 -4.75 13.77
CA SER A 3 0.62 -5.33 14.63
C SER A 3 1.65 -6.17 13.87
N PRO A 4 2.74 -6.57 14.56
CA PRO A 4 3.74 -7.37 13.88
C PRO A 4 3.11 -8.66 13.34
N SER A 5 2.32 -9.31 14.19
CA SER A 5 1.65 -10.55 13.84
C SER A 5 0.71 -10.40 12.65
N ALA A 6 0.07 -9.24 12.56
CA ALA A 6 -0.86 -8.98 11.46
C ALA A 6 -0.06 -8.77 10.18
N ARG A 7 1.16 -8.24 10.34
CA ARG A 7 2.04 -7.95 9.23
C ARG A 7 2.60 -9.18 8.54
N ARG A 8 2.83 -10.23 9.32
CA ARG A 8 3.35 -11.47 8.78
C ARG A 8 2.28 -12.11 7.92
N VAL A 9 1.09 -12.28 8.51
CA VAL A 9 -0.02 -12.88 7.80
C VAL A 9 -0.19 -12.22 6.43
N GLN A 10 -0.18 -10.88 6.42
CA GLN A 10 -0.33 -10.12 5.19
C GLN A 10 0.80 -10.42 4.20
N GLY A 11 2.02 -10.58 4.73
CA GLY A 11 3.14 -10.89 3.87
C GLY A 11 3.02 -12.29 3.29
N ALA A 12 2.47 -13.21 4.10
CA ALA A 12 2.28 -14.59 3.68
C ALA A 12 1.29 -14.70 2.52
N LEU A 13 0.23 -13.90 2.57
CA LEU A 13 -0.79 -13.90 1.51
C LEU A 13 -0.14 -13.47 0.20
N GLU A 14 0.73 -12.46 0.30
CA GLU A 14 1.42 -11.92 -0.87
C GLU A 14 2.41 -12.90 -1.50
N THR A 15 3.23 -13.59 -0.70
CA THR A 15 4.18 -14.54 -1.28
C THR A 15 3.52 -15.81 -1.83
N ARG A 16 2.36 -16.18 -1.29
CA ARG A 16 1.67 -17.36 -1.79
C ARG A 16 0.85 -17.05 -3.05
N GLY A 17 0.62 -15.77 -3.32
CA GLY A 17 -0.14 -15.39 -4.51
C GLY A 17 -1.55 -14.85 -4.28
N PHE A 18 -1.80 -14.31 -3.10
CA PHE A 18 -3.12 -13.75 -2.79
C PHE A 18 -3.03 -12.32 -2.27
N GLY A 19 -2.09 -11.56 -2.82
CA GLY A 19 -1.88 -10.20 -2.39
C GLY A 19 -3.07 -9.26 -2.50
N HIS A 20 -4.13 -9.64 -3.21
CA HIS A 20 -5.26 -8.73 -3.31
C HIS A 20 -6.09 -8.79 -2.02
N LEU A 21 -5.99 -9.91 -1.30
CA LEU A 21 -6.71 -10.07 -0.04
C LEU A 21 -5.99 -9.20 0.99
N LYS A 22 -6.71 -8.66 1.98
CA LYS A 22 -6.06 -7.78 2.96
C LYS A 22 -6.55 -7.88 4.41
N VAL A 23 -5.60 -7.70 5.33
CA VAL A 23 -5.89 -7.78 6.77
C VAL A 23 -6.36 -6.42 7.31
N VAL A 24 -7.53 -6.41 7.93
CA VAL A 24 -8.07 -5.18 8.50
C VAL A 24 -8.05 -5.21 10.05
N GLU A 25 -7.83 -4.06 10.68
CA GLU A 25 -7.78 -3.97 12.14
C GLU A 25 -9.17 -3.67 12.70
N LEU A 26 -9.50 -4.38 13.78
CA LEU A 26 -10.79 -4.23 14.44
C LEU A 26 -10.59 -3.56 15.79
N PRO A 27 -11.70 -3.30 16.51
CA PRO A 27 -11.54 -2.66 17.82
C PRO A 27 -10.70 -3.50 18.76
N ALA A 28 -9.93 -2.83 19.59
CA ALA A 28 -9.06 -3.49 20.53
C ALA A 28 -9.81 -4.39 21.51
N SER A 29 -11.10 -4.15 21.71
CA SER A 29 -11.89 -4.95 22.61
C SER A 29 -12.48 -6.20 21.95
N THR A 30 -12.41 -6.28 20.63
CA THR A 30 -12.96 -7.43 19.89
C THR A 30 -12.39 -8.75 20.40
N ARG A 31 -13.19 -9.50 21.16
CA ARG A 31 -12.70 -10.74 21.73
C ARG A 31 -13.36 -12.03 21.23
N THR A 32 -14.61 -11.97 20.78
CA THR A 32 -15.28 -13.17 20.30
C THR A 32 -15.53 -13.12 18.81
N ALA A 33 -16.18 -14.15 18.28
CA ALA A 33 -16.48 -14.21 16.87
C ALA A 33 -17.67 -13.35 16.48
N LYS A 34 -18.62 -13.14 17.38
CA LYS A 34 -19.77 -12.31 17.03
C LYS A 34 -19.43 -10.82 17.00
N GLU A 35 -18.54 -10.41 17.89
CA GLU A 35 -18.13 -8.99 17.92
C GLU A 35 -17.37 -8.76 16.61
N ALA A 36 -16.58 -9.74 16.21
CA ALA A 36 -15.80 -9.66 14.98
C ALA A 36 -16.78 -9.57 13.80
N ALA A 37 -17.83 -10.37 13.84
CA ALA A 37 -18.83 -10.39 12.79
C ALA A 37 -19.55 -9.03 12.67
N GLN A 38 -19.95 -8.49 13.82
CA GLN A 38 -20.64 -7.21 13.85
C GLN A 38 -19.82 -6.14 13.14
N ALA A 39 -18.52 -6.15 13.42
CA ALA A 39 -17.57 -5.18 12.86
C ALA A 39 -17.47 -5.15 11.34
N VAL A 40 -17.62 -6.29 10.69
CA VAL A 40 -17.52 -6.31 9.24
C VAL A 40 -18.91 -6.42 8.63
N GLY A 41 -19.93 -6.54 9.48
CA GLY A 41 -21.28 -6.65 8.98
C GLY A 41 -21.52 -8.00 8.34
N ALA A 42 -20.99 -9.05 8.99
CA ALA A 42 -21.12 -10.40 8.48
C ALA A 42 -21.95 -11.24 9.44
N GLU A 43 -22.49 -12.34 8.93
CA GLU A 43 -23.25 -13.21 9.80
C GLU A 43 -22.16 -13.95 10.56
N VAL A 44 -22.47 -14.37 11.78
CA VAL A 44 -21.51 -15.07 12.61
C VAL A 44 -21.06 -16.37 11.98
N GLY A 45 -21.82 -16.85 11.02
CA GLY A 45 -21.45 -18.10 10.38
C GLY A 45 -20.33 -17.94 9.37
N GLN A 46 -20.06 -16.71 8.96
CA GLN A 46 -19.02 -16.44 7.98
C GLN A 46 -17.63 -16.31 8.55
N ILE A 47 -17.55 -16.24 9.87
CA ILE A 47 -16.28 -16.14 10.57
C ILE A 47 -15.65 -17.54 10.58
N VAL A 48 -14.34 -17.61 10.43
CA VAL A 48 -13.63 -18.88 10.42
C VAL A 48 -12.73 -19.08 11.63
N LYS A 49 -13.01 -20.12 12.42
CA LYS A 49 -12.20 -20.46 13.60
C LYS A 49 -11.16 -21.51 13.22
N SER A 50 -9.90 -21.21 13.51
CA SER A 50 -8.78 -22.11 13.23
C SER A 50 -8.47 -22.91 14.48
N LEU A 51 -9.04 -24.11 14.58
CA LEU A 51 -8.85 -24.98 15.73
C LEU A 51 -7.74 -26.02 15.55
N VAL A 52 -6.82 -26.06 16.51
CA VAL A 52 -5.68 -26.99 16.48
C VAL A 52 -5.90 -28.19 17.37
N TYR A 53 -5.83 -29.37 16.77
CA TYR A 53 -6.00 -30.62 17.50
C TYR A 53 -4.74 -31.43 17.24
N GLY A 54 -4.34 -32.24 18.21
CA GLY A 54 -3.14 -33.05 18.08
C GLY A 54 -3.37 -34.55 18.00
N GLY A 55 -2.90 -35.13 16.90
CA GLY A 55 -3.05 -36.57 16.70
C GLY A 55 -1.78 -37.32 17.07
N GLU A 56 -1.71 -38.59 16.68
CA GLU A 56 -0.55 -39.41 16.99
C GLU A 56 0.70 -38.98 16.23
N LYS A 57 0.55 -38.67 14.95
CA LYS A 57 1.71 -38.26 14.16
C LYS A 57 1.70 -36.82 13.74
N GLY A 58 1.41 -35.93 14.69
CA GLY A 58 1.41 -34.51 14.34
C GLY A 58 0.13 -33.79 14.66
N ALA A 59 0.12 -32.50 14.34
CA ALA A 59 -1.03 -31.64 14.59
C ALA A 59 -1.86 -31.45 13.34
N TYR A 60 -3.14 -31.14 13.54
CA TYR A 60 -4.07 -30.88 12.45
C TYR A 60 -4.84 -29.57 12.70
N LEU A 61 -5.11 -28.84 11.62
CA LEU A 61 -5.85 -27.59 11.69
C LEU A 61 -7.27 -27.79 11.23
N PHE A 62 -8.21 -27.32 12.03
CA PHE A 62 -9.63 -27.40 11.69
C PHE A 62 -10.23 -25.97 11.55
N LEU A 63 -10.66 -25.64 10.35
CA LEU A 63 -11.25 -24.33 10.02
C LEU A 63 -12.76 -24.57 10.10
N VAL A 64 -13.38 -24.06 11.16
CA VAL A 64 -14.80 -24.28 11.43
C VAL A 64 -15.68 -23.04 11.37
N SER A 65 -16.93 -23.25 10.95
CA SER A 65 -17.90 -22.16 10.84
C SER A 65 -18.19 -21.56 12.21
N GLY A 66 -18.18 -20.23 12.26
CA GLY A 66 -18.44 -19.53 13.51
C GLY A 66 -19.74 -19.91 14.21
N LYS A 67 -20.72 -20.36 13.44
CA LYS A 67 -22.00 -20.75 14.03
C LYS A 67 -22.02 -22.25 14.35
N ASN A 68 -20.95 -22.95 13.99
CA ASN A 68 -20.89 -24.39 14.24
C ASN A 68 -19.94 -24.80 15.36
N ARG A 69 -19.98 -26.08 15.69
CA ARG A 69 -19.16 -26.64 16.74
C ARG A 69 -18.59 -27.95 16.21
N LEU A 70 -17.27 -28.12 16.30
CA LEU A 70 -16.64 -29.32 15.78
C LEU A 70 -17.09 -30.63 16.44
N ASP A 71 -17.47 -31.60 15.61
CA ASP A 71 -17.87 -32.90 16.10
C ASP A 71 -16.60 -33.74 16.15
N LEU A 72 -16.14 -34.04 17.37
CA LEU A 72 -14.93 -34.82 17.60
C LEU A 72 -15.07 -36.26 17.13
N GLY A 73 -16.31 -36.70 16.96
CA GLY A 73 -16.55 -38.04 16.50
C GLY A 73 -16.14 -38.11 15.04
N LYS A 74 -16.51 -37.09 14.28
CA LYS A 74 -16.15 -37.04 12.88
C LYS A 74 -14.67 -36.66 12.75
N ALA A 75 -14.22 -35.74 13.59
CA ALA A 75 -12.83 -35.30 13.55
C ALA A 75 -11.84 -36.48 13.61
N THR A 76 -12.17 -37.47 14.43
CA THR A 76 -11.30 -38.63 14.60
C THR A 76 -11.32 -39.57 13.39
N ARG A 77 -12.50 -39.76 12.82
CA ARG A 77 -12.68 -40.63 11.67
C ARG A 77 -11.94 -40.15 10.41
N LEU A 78 -11.83 -38.84 10.25
CA LEU A 78 -11.13 -38.26 9.10
C LEU A 78 -9.62 -38.44 9.26
N VAL A 79 -9.11 -38.06 10.43
CA VAL A 79 -7.68 -38.18 10.71
C VAL A 79 -7.28 -39.64 10.57
N GLY A 80 -8.04 -40.50 11.26
CA GLY A 80 -7.79 -41.93 11.23
C GLY A 80 -7.35 -42.43 12.59
N GLY A 81 -7.60 -41.61 13.62
CA GLY A 81 -7.22 -41.97 14.97
C GLY A 81 -7.63 -40.94 16.02
N PRO A 82 -7.26 -41.18 17.29
CA PRO A 82 -7.59 -40.25 18.39
C PRO A 82 -6.92 -38.88 18.27
N LEU A 83 -7.61 -37.86 18.76
CA LEU A 83 -7.14 -36.49 18.71
C LEU A 83 -7.16 -35.85 20.09
N LEU A 84 -6.33 -34.84 20.28
CA LEU A 84 -6.22 -34.10 21.54
C LEU A 84 -6.38 -32.63 21.20
N GLU A 85 -7.37 -31.99 21.79
CA GLU A 85 -7.60 -30.58 21.55
C GLU A 85 -6.36 -29.84 22.06
N ALA A 86 -5.68 -29.11 21.19
CA ALA A 86 -4.49 -28.40 21.59
C ALA A 86 -4.76 -27.41 22.71
N ASP A 87 -3.87 -27.42 23.70
CA ASP A 87 -3.98 -26.52 24.82
C ASP A 87 -3.57 -25.16 24.30
N LYS A 88 -4.28 -24.16 24.80
CA LYS A 88 -4.04 -22.79 24.45
C LYS A 88 -2.53 -22.45 24.52
N TRP A 89 -1.77 -23.19 25.33
CA TRP A 89 -0.33 -22.96 25.43
C TRP A 89 0.36 -23.65 24.28
N ALA A 90 -0.05 -24.87 24.02
CA ALA A 90 0.51 -25.66 22.94
C ALA A 90 0.24 -24.97 21.61
N VAL A 91 -0.83 -24.19 21.54
CA VAL A 91 -1.17 -23.48 20.32
C VAL A 91 -0.10 -22.42 20.03
N ALA A 92 0.38 -21.79 21.09
CA ALA A 92 1.43 -20.77 20.99
C ALA A 92 2.60 -21.24 20.11
N ALA A 93 2.97 -22.52 20.25
CA ALA A 93 4.09 -23.08 19.49
C ALA A 93 3.75 -23.66 18.11
N LEU A 94 2.85 -24.65 18.04
CA LEU A 94 2.51 -25.22 16.75
C LEU A 94 2.21 -24.12 15.73
N THR A 95 1.98 -22.91 16.23
CA THR A 95 1.67 -21.78 15.39
C THR A 95 2.63 -20.59 15.54
N GLY A 96 2.66 -20.01 16.73
CA GLY A 96 3.51 -18.85 16.97
C GLY A 96 2.64 -17.64 17.24
N PHE A 97 1.32 -17.81 17.09
CA PHE A 97 0.38 -16.73 17.33
C PHE A 97 -0.51 -17.02 18.54
N ASP A 98 -1.41 -16.07 18.78
CA ASP A 98 -2.38 -16.10 19.87
C ASP A 98 -3.53 -17.09 19.60
N ALA A 99 -4.14 -17.61 20.66
CA ALA A 99 -5.28 -18.49 20.51
C ALA A 99 -6.39 -17.45 20.35
N GLY A 100 -7.40 -17.72 19.55
CA GLY A 100 -8.43 -16.72 19.35
C GLY A 100 -7.99 -15.73 18.31
N GLY A 101 -6.92 -16.07 17.59
CA GLY A 101 -6.38 -15.21 16.54
C GLY A 101 -5.55 -16.00 15.54
N VAL A 102 -5.58 -17.33 15.66
CA VAL A 102 -4.80 -18.20 14.77
C VAL A 102 -5.21 -18.09 13.29
N PRO A 103 -4.26 -17.73 12.41
CA PRO A 103 -4.41 -17.56 10.97
C PRO A 103 -4.33 -18.88 10.20
N PRO A 104 -5.10 -19.01 9.12
CA PRO A 104 -5.08 -20.26 8.34
C PRO A 104 -3.85 -20.44 7.43
N VAL A 105 -2.94 -19.48 7.47
CA VAL A 105 -1.69 -19.52 6.69
C VAL A 105 -0.65 -18.62 7.37
N GLY A 106 0.54 -18.55 6.79
CA GLY A 106 1.59 -17.72 7.35
C GLY A 106 2.24 -18.45 8.51
N HIS A 107 2.03 -19.77 8.51
CA HIS A 107 2.57 -20.63 9.54
C HIS A 107 4.05 -20.97 9.40
N ASN A 108 4.62 -21.43 10.49
CA ASN A 108 6.02 -21.80 10.57
C ASN A 108 6.14 -23.32 10.51
N THR A 109 5.06 -23.98 10.85
CA THR A 109 5.00 -25.43 10.85
C THR A 109 3.70 -25.83 10.15
N PRO A 110 3.76 -26.09 8.83
CA PRO A 110 2.60 -26.47 8.03
C PRO A 110 1.89 -27.73 8.55
N LEU A 111 0.55 -27.65 8.62
CA LEU A 111 -0.29 -28.75 9.10
C LEU A 111 -1.38 -29.16 8.10
N PRO A 112 -1.80 -30.44 8.13
CA PRO A 112 -2.85 -30.86 7.19
C PRO A 112 -4.12 -30.15 7.66
N ALA A 113 -5.07 -29.92 6.76
CA ALA A 113 -6.26 -29.21 7.18
C ALA A 113 -7.58 -29.67 6.59
N TYR A 114 -8.62 -29.44 7.39
CA TYR A 114 -9.99 -29.77 6.99
C TYR A 114 -10.79 -28.47 7.09
N LEU A 115 -11.73 -28.29 6.18
CA LEU A 115 -12.55 -27.08 6.18
C LEU A 115 -14.05 -27.39 6.17
N ASP A 116 -14.73 -26.83 7.17
CA ASP A 116 -16.16 -26.98 7.37
C ASP A 116 -16.90 -26.72 6.05
N GLU A 117 -17.54 -27.76 5.49
CA GLU A 117 -18.28 -27.55 4.24
C GLU A 117 -19.38 -26.49 4.32
N ASP A 118 -19.81 -26.14 5.53
CA ASP A 118 -20.84 -25.11 5.67
C ASP A 118 -20.31 -23.71 5.29
N LEU A 119 -18.99 -23.56 5.20
CA LEU A 119 -18.38 -22.28 4.81
C LEU A 119 -18.64 -21.98 3.34
N LEU A 120 -18.71 -23.03 2.52
CA LEU A 120 -18.99 -22.86 1.10
C LEU A 120 -20.45 -22.44 0.88
N GLY A 121 -21.20 -22.30 1.97
CA GLY A 121 -22.60 -21.91 1.86
C GLY A 121 -22.71 -20.40 1.76
N TYR A 122 -21.56 -19.73 1.84
CA TYR A 122 -21.55 -18.27 1.74
C TYR A 122 -20.63 -17.87 0.58
N PRO A 123 -20.80 -16.63 0.06
CA PRO A 123 -20.01 -16.08 -1.04
C PRO A 123 -18.63 -15.63 -0.58
N GLU A 124 -18.54 -15.19 0.67
CA GLU A 124 -17.27 -14.74 1.23
C GLU A 124 -17.20 -15.06 2.70
N VAL A 125 -15.99 -15.20 3.23
CA VAL A 125 -15.81 -15.54 4.63
C VAL A 125 -14.73 -14.66 5.22
N TRP A 126 -14.58 -14.71 6.54
CA TRP A 126 -13.58 -13.89 7.23
C TRP A 126 -12.76 -14.76 8.17
N ALA A 127 -11.49 -14.94 7.84
CA ALA A 127 -10.60 -15.76 8.67
C ALA A 127 -9.72 -14.85 9.51
N ALA A 128 -9.25 -15.36 10.65
CA ALA A 128 -8.42 -14.55 11.57
C ALA A 128 -7.10 -14.20 10.92
N GLY A 129 -6.60 -13.00 11.24
CA GLY A 129 -5.35 -12.55 10.68
C GLY A 129 -4.22 -12.31 11.67
N GLY A 130 -4.16 -13.07 12.76
CA GLY A 130 -3.06 -12.87 13.69
C GLY A 130 -3.38 -12.70 15.17
N THR A 131 -4.36 -11.86 15.48
CA THR A 131 -4.79 -11.65 16.86
C THR A 131 -6.31 -11.64 16.90
N PRO A 132 -6.88 -11.63 18.10
CA PRO A 132 -8.33 -11.61 18.19
C PRO A 132 -8.91 -10.37 17.53
N ARG A 133 -8.06 -9.36 17.26
CA ARG A 133 -8.55 -8.12 16.65
C ARG A 133 -8.09 -7.88 15.21
N ALA A 134 -7.92 -8.96 14.45
CA ALA A 134 -7.52 -8.83 13.05
C ALA A 134 -8.27 -9.89 12.25
N LEU A 135 -8.64 -9.54 11.02
CA LEU A 135 -9.39 -10.44 10.14
C LEU A 135 -9.12 -10.09 8.69
N PHE A 136 -9.29 -11.07 7.81
CA PHE A 136 -9.13 -10.81 6.38
C PHE A 136 -10.24 -11.56 5.63
N ARG A 137 -10.71 -10.93 4.57
CA ARG A 137 -11.77 -11.46 3.74
C ARG A 137 -11.30 -12.28 2.52
N ALA A 138 -12.12 -13.25 2.13
CA ALA A 138 -11.85 -14.12 0.98
C ALA A 138 -13.08 -14.92 0.61
N THR A 139 -13.15 -15.39 -0.64
CA THR A 139 -14.28 -16.22 -1.02
C THR A 139 -13.93 -17.62 -0.54
N PRO A 140 -14.95 -18.43 -0.26
CA PRO A 140 -14.72 -19.81 0.21
C PRO A 140 -13.63 -20.48 -0.62
N LYS A 141 -13.74 -20.34 -1.94
CA LYS A 141 -12.81 -20.91 -2.90
C LYS A 141 -11.36 -20.49 -2.64
N GLU A 142 -11.10 -19.19 -2.60
CA GLU A 142 -9.75 -18.69 -2.36
C GLU A 142 -9.14 -19.21 -1.07
N LEU A 143 -9.92 -19.27 0.00
CA LEU A 143 -9.41 -19.81 1.26
C LEU A 143 -9.03 -21.29 1.04
N LEU A 144 -9.82 -22.01 0.23
CA LEU A 144 -9.55 -23.41 -0.05
C LEU A 144 -8.22 -23.54 -0.80
N ALA A 145 -7.99 -22.65 -1.77
CA ALA A 145 -6.77 -22.68 -2.57
C ALA A 145 -5.55 -22.20 -1.79
N LEU A 146 -5.80 -21.27 -0.88
CA LEU A 146 -4.74 -20.70 -0.06
C LEU A 146 -4.20 -21.77 0.89
N THR A 147 -5.11 -22.43 1.59
CA THR A 147 -4.76 -23.45 2.59
C THR A 147 -4.51 -24.85 2.08
N GLY A 148 -5.26 -25.25 1.04
CA GLY A 148 -5.11 -26.60 0.52
C GLY A 148 -5.74 -27.60 1.49
N ALA A 149 -6.86 -27.24 2.08
CA ALA A 149 -7.54 -28.13 3.01
C ALA A 149 -8.52 -29.02 2.23
N GLN A 150 -8.98 -30.08 2.89
CA GLN A 150 -9.93 -31.01 2.31
C GLN A 150 -11.29 -30.55 2.84
N VAL A 151 -12.21 -30.13 1.96
CA VAL A 151 -13.53 -29.71 2.43
C VAL A 151 -14.11 -30.95 3.09
N ALA A 152 -14.78 -30.78 4.22
CA ALA A 152 -15.31 -31.93 4.94
C ALA A 152 -16.48 -31.66 5.88
N ASP A 153 -17.20 -32.74 6.21
CA ASP A 153 -18.33 -32.68 7.13
C ASP A 153 -17.74 -32.76 8.55
N LEU A 154 -17.88 -31.69 9.33
CA LEU A 154 -17.29 -31.64 10.66
C LEU A 154 -18.24 -31.29 11.80
N LYS A 155 -19.35 -30.63 11.48
CA LYS A 155 -20.29 -30.19 12.49
C LYS A 155 -21.11 -31.25 13.23
N GLU A 156 -21.58 -30.83 14.40
CA GLU A 156 -22.41 -31.69 15.23
C GLU A 156 -23.82 -31.44 14.77
N GLY A 157 -24.71 -32.39 15.02
CA GLY A 157 -26.09 -32.24 14.64
C GLY A 157 -26.95 -31.97 15.87
N LEU B 2 21.59 3.77 -25.56
CA LEU B 2 20.15 3.38 -25.41
C LEU B 2 19.30 3.84 -26.59
N SER B 3 18.40 2.98 -27.05
CA SER B 3 17.53 3.37 -28.14
C SER B 3 16.71 4.55 -27.59
N PRO B 4 16.22 5.43 -28.47
CA PRO B 4 15.44 6.58 -28.02
C PRO B 4 14.26 6.11 -27.18
N SER B 5 13.50 5.16 -27.72
CA SER B 5 12.36 4.58 -27.02
C SER B 5 12.80 4.10 -25.63
N ALA B 6 14.11 3.96 -25.45
CA ALA B 6 14.66 3.53 -24.18
C ALA B 6 14.98 4.75 -23.32
N ARG B 7 15.76 5.67 -23.87
CA ARG B 7 16.09 6.88 -23.13
C ARG B 7 14.78 7.45 -22.61
N ARG B 8 13.79 7.52 -23.49
CA ARG B 8 12.47 8.05 -23.16
C ARG B 8 11.83 7.50 -21.89
N VAL B 9 11.84 6.19 -21.73
CA VAL B 9 11.28 5.61 -20.52
C VAL B 9 12.18 6.08 -19.39
N GLN B 10 13.49 6.14 -19.67
CA GLN B 10 14.43 6.59 -18.67
C GLN B 10 14.04 8.04 -18.35
N GLY B 11 13.46 8.71 -19.33
CA GLY B 11 13.03 10.10 -19.14
C GLY B 11 11.73 10.28 -18.38
N ALA B 12 10.91 9.22 -18.29
CA ALA B 12 9.64 9.30 -17.58
C ALA B 12 9.85 8.79 -16.16
N LEU B 13 10.95 8.06 -15.97
CA LEU B 13 11.28 7.51 -14.67
C LEU B 13 11.75 8.65 -13.75
N GLU B 14 12.54 9.54 -14.32
CA GLU B 14 13.08 10.67 -13.57
C GLU B 14 11.96 11.62 -13.17
N THR B 15 11.18 12.05 -14.16
CA THR B 15 10.08 12.99 -13.94
C THR B 15 9.17 12.54 -12.81
N ARG B 16 8.96 11.23 -12.74
CA ARG B 16 8.08 10.64 -11.75
C ARG B 16 8.69 10.31 -10.38
N GLY B 17 9.98 10.66 -10.20
CA GLY B 17 10.62 10.41 -8.91
C GLY B 17 11.27 9.04 -8.79
N PHE B 18 11.48 8.40 -9.93
CA PHE B 18 12.11 7.08 -9.95
C PHE B 18 13.26 7.07 -10.93
N GLY B 19 14.16 8.03 -10.76
CA GLY B 19 15.30 8.12 -11.64
C GLY B 19 16.35 7.06 -11.36
N HIS B 20 16.33 6.48 -10.16
CA HIS B 20 17.33 5.46 -9.81
C HIS B 20 17.11 4.12 -10.52
N LEU B 21 15.97 3.97 -11.18
CA LEU B 21 15.64 2.75 -11.91
C LEU B 21 16.38 2.81 -13.25
N LYS B 22 17.11 1.76 -13.59
CA LYS B 22 17.86 1.75 -14.85
C LYS B 22 17.41 0.78 -15.91
N VAL B 23 17.20 1.27 -17.12
CA VAL B 23 16.81 0.43 -18.24
C VAL B 23 18.08 -0.19 -18.82
N VAL B 24 18.05 -1.50 -18.98
CA VAL B 24 19.19 -2.24 -19.50
C VAL B 24 18.91 -2.63 -20.96
N GLU B 25 19.95 -2.60 -21.77
CA GLU B 25 19.84 -2.99 -23.18
C GLU B 25 20.01 -4.48 -23.39
N LEU B 26 19.16 -5.05 -24.24
CA LEU B 26 19.19 -6.48 -24.53
C LEU B 26 19.61 -6.83 -25.94
N PRO B 27 20.29 -7.97 -26.10
CA PRO B 27 20.77 -8.46 -27.39
C PRO B 27 19.58 -8.50 -28.36
N ALA B 28 19.69 -7.79 -29.47
CA ALA B 28 18.62 -7.69 -30.46
C ALA B 28 18.00 -8.99 -30.93
N SER B 29 18.55 -10.13 -30.53
CA SER B 29 18.00 -11.43 -30.92
C SER B 29 17.10 -11.88 -29.78
N THR B 30 16.46 -10.91 -29.12
CA THR B 30 15.58 -11.16 -27.99
C THR B 30 14.13 -10.89 -28.39
N ARG B 31 13.38 -11.98 -28.61
CA ARG B 31 12.00 -11.88 -29.03
C ARG B 31 10.93 -12.50 -28.17
N THR B 32 11.30 -13.32 -27.19
CA THR B 32 10.28 -13.93 -26.34
C THR B 32 10.48 -13.56 -24.87
N ALA B 33 9.42 -13.75 -24.08
CA ALA B 33 9.43 -13.46 -22.65
C ALA B 33 10.60 -14.16 -21.97
N LYS B 34 10.68 -15.48 -22.19
CA LYS B 34 11.74 -16.31 -21.62
C LYS B 34 13.12 -15.74 -21.97
N GLU B 35 13.29 -15.35 -23.23
CA GLU B 35 14.55 -14.79 -23.72
C GLU B 35 14.97 -13.62 -22.84
N ALA B 36 14.00 -12.79 -22.45
CA ALA B 36 14.30 -11.65 -21.60
C ALA B 36 14.80 -12.19 -20.27
N ALA B 37 14.06 -13.15 -19.71
CA ALA B 37 14.43 -13.77 -18.43
C ALA B 37 15.83 -14.39 -18.47
N GLN B 38 16.16 -15.03 -19.58
CA GLN B 38 17.48 -15.65 -19.72
C GLN B 38 18.57 -14.59 -19.73
N ALA B 39 18.36 -13.54 -20.51
CA ALA B 39 19.32 -12.45 -20.61
C ALA B 39 19.62 -11.78 -19.26
N VAL B 40 18.61 -11.69 -18.39
CA VAL B 40 18.78 -11.05 -17.07
C VAL B 40 18.85 -12.05 -15.91
N GLY B 41 19.07 -13.32 -16.24
CA GLY B 41 19.15 -14.35 -15.21
C GLY B 41 17.96 -14.38 -14.27
N ALA B 42 16.76 -14.31 -14.85
CA ALA B 42 15.51 -14.32 -14.06
C ALA B 42 14.51 -15.38 -14.53
N GLU B 43 13.45 -15.57 -13.76
CA GLU B 43 12.40 -16.55 -14.07
C GLU B 43 11.29 -15.83 -14.82
N VAL B 44 10.82 -16.45 -15.90
CA VAL B 44 9.80 -15.87 -16.76
C VAL B 44 8.61 -15.30 -15.98
N GLY B 45 8.40 -15.78 -14.76
CA GLY B 45 7.31 -15.29 -13.94
C GLY B 45 7.56 -13.88 -13.44
N GLN B 46 8.83 -13.45 -13.45
CA GLN B 46 9.21 -12.13 -13.00
C GLN B 46 9.11 -11.08 -14.09
N ILE B 47 8.89 -11.53 -15.33
CA ILE B 47 8.76 -10.63 -16.47
C ILE B 47 7.40 -9.95 -16.41
N VAL B 48 7.34 -8.68 -16.77
CA VAL B 48 6.08 -7.96 -16.74
C VAL B 48 5.62 -7.55 -18.13
N LYS B 49 4.39 -7.91 -18.47
CA LYS B 49 3.80 -7.58 -19.76
C LYS B 49 2.81 -6.41 -19.61
N SER B 50 2.90 -5.40 -20.47
CA SER B 50 2.00 -4.25 -20.41
C SER B 50 0.93 -4.37 -21.49
N LEU B 51 -0.17 -5.06 -21.15
CA LEU B 51 -1.24 -5.28 -22.11
C LEU B 51 -2.24 -4.11 -22.17
N VAL B 52 -2.67 -3.78 -23.38
CA VAL B 52 -3.62 -2.69 -23.60
C VAL B 52 -4.93 -3.24 -24.16
N TYR B 53 -6.06 -2.81 -23.60
CA TYR B 53 -7.37 -3.26 -24.03
C TYR B 53 -8.33 -2.08 -24.09
N GLY B 54 -9.12 -2.03 -25.15
CA GLY B 54 -10.07 -0.93 -25.29
C GLY B 54 -11.46 -1.33 -24.86
N GLY B 55 -12.07 -0.47 -24.06
CA GLY B 55 -13.42 -0.68 -23.58
C GLY B 55 -14.25 0.45 -24.14
N GLU B 56 -15.46 0.66 -23.62
CA GLU B 56 -16.32 1.72 -24.12
C GLU B 56 -15.89 3.11 -23.68
N LYS B 57 -15.57 3.21 -22.39
CA LYS B 57 -15.14 4.46 -21.76
C LYS B 57 -13.61 4.51 -21.57
N GLY B 58 -12.88 4.65 -22.67
CA GLY B 58 -11.44 4.72 -22.59
C GLY B 58 -10.71 3.38 -22.65
N ALA B 59 -9.37 3.43 -22.64
CA ALA B 59 -8.52 2.24 -22.71
C ALA B 59 -7.91 1.88 -21.34
N TYR B 60 -7.46 0.63 -21.19
CA TYR B 60 -6.89 0.16 -19.93
C TYR B 60 -5.55 -0.56 -20.05
N LEU B 61 -4.80 -0.60 -18.95
CA LEU B 61 -3.48 -1.24 -18.88
C LEU B 61 -3.43 -2.37 -17.84
N PHE B 62 -3.10 -3.59 -18.29
CA PHE B 62 -2.98 -4.73 -17.39
C PHE B 62 -1.56 -5.25 -17.30
N LEU B 63 -0.97 -5.15 -16.12
CA LEU B 63 0.40 -5.62 -15.88
C LEU B 63 0.30 -7.09 -15.48
N VAL B 64 0.75 -7.96 -16.39
CA VAL B 64 0.67 -9.41 -16.19
C VAL B 64 2.03 -10.13 -16.09
N SER B 65 2.10 -11.11 -15.19
CA SER B 65 3.31 -11.89 -14.99
C SER B 65 3.59 -12.83 -16.16
N GLY B 66 4.86 -12.84 -16.58
CA GLY B 66 5.29 -13.67 -17.70
C GLY B 66 4.79 -15.10 -17.76
N LYS B 67 4.38 -15.67 -16.61
CA LYS B 67 3.90 -17.04 -16.57
C LYS B 67 2.38 -17.18 -16.63
N ASN B 68 1.68 -16.06 -16.90
CA ASN B 68 0.23 -16.09 -16.98
C ASN B 68 -0.36 -15.44 -18.22
N ARG B 69 -1.67 -15.60 -18.37
CA ARG B 69 -2.43 -15.02 -19.47
C ARG B 69 -3.61 -14.28 -18.86
N LEU B 70 -4.16 -13.34 -19.61
CA LEU B 70 -5.26 -12.53 -19.10
C LEU B 70 -6.63 -13.21 -19.24
N ASP B 71 -7.25 -13.47 -18.10
CA ASP B 71 -8.58 -14.07 -18.07
C ASP B 71 -9.52 -12.92 -18.43
N LEU B 72 -10.03 -12.93 -19.65
CA LEU B 72 -10.93 -11.88 -20.12
C LEU B 72 -12.13 -11.68 -19.21
N GLY B 73 -12.61 -12.77 -18.62
CA GLY B 73 -13.76 -12.69 -17.73
C GLY B 73 -13.56 -11.83 -16.51
N LYS B 74 -12.39 -11.99 -15.89
CA LYS B 74 -12.05 -11.24 -14.68
C LYS B 74 -11.79 -9.77 -14.96
N ALA B 75 -11.12 -9.47 -16.07
CA ALA B 75 -10.81 -8.08 -16.43
C ALA B 75 -12.08 -7.35 -16.80
N THR B 76 -12.97 -8.03 -17.52
CA THR B 76 -14.24 -7.43 -17.93
C THR B 76 -15.05 -7.03 -16.71
N ARG B 77 -15.11 -7.88 -15.71
CA ARG B 77 -15.86 -7.56 -14.50
C ARG B 77 -15.19 -6.39 -13.81
N LEU B 78 -13.87 -6.47 -13.68
CA LEU B 78 -13.07 -5.43 -13.03
C LEU B 78 -13.45 -4.07 -13.61
N VAL B 79 -13.85 -4.08 -14.86
CA VAL B 79 -14.18 -2.86 -15.56
C VAL B 79 -15.69 -2.59 -15.76
N GLY B 80 -16.48 -3.65 -15.89
CA GLY B 80 -17.91 -3.45 -16.04
C GLY B 80 -18.38 -3.21 -17.47
N GLY B 81 -17.62 -3.75 -18.41
CA GLY B 81 -17.96 -3.60 -19.81
C GLY B 81 -17.03 -4.42 -20.66
N PRO B 82 -17.37 -4.65 -21.94
CA PRO B 82 -16.51 -5.44 -22.82
C PRO B 82 -15.10 -4.85 -23.05
N LEU B 83 -14.16 -5.71 -23.41
CA LEU B 83 -12.79 -5.27 -23.66
C LEU B 83 -12.27 -5.80 -24.99
N LEU B 84 -11.67 -4.90 -25.76
CA LEU B 84 -11.15 -5.25 -27.08
C LEU B 84 -9.64 -5.04 -27.07
N GLU B 85 -8.86 -6.05 -27.45
CA GLU B 85 -7.41 -5.85 -27.43
C GLU B 85 -7.03 -4.79 -28.47
N ALA B 86 -6.19 -3.87 -28.01
CA ALA B 86 -5.74 -2.77 -28.84
C ALA B 86 -4.91 -3.17 -30.05
N ASP B 87 -5.13 -2.44 -31.14
CA ASP B 87 -4.45 -2.60 -32.41
C ASP B 87 -2.98 -2.27 -32.19
N LYS B 88 -2.10 -2.77 -33.06
CA LYS B 88 -0.69 -2.42 -32.90
C LYS B 88 -0.59 -0.93 -33.22
N TRP B 89 -1.49 -0.44 -34.06
CA TRP B 89 -1.54 0.98 -34.40
C TRP B 89 -2.13 1.73 -33.20
N ALA B 90 -3.13 1.12 -32.56
CA ALA B 90 -3.78 1.73 -31.41
C ALA B 90 -2.83 1.78 -30.22
N VAL B 91 -2.11 0.69 -30.00
CA VAL B 91 -1.14 0.61 -28.90
C VAL B 91 -0.12 1.76 -29.05
N ALA B 92 0.36 1.98 -30.26
CA ALA B 92 1.33 3.03 -30.53
C ALA B 92 0.81 4.45 -30.28
N ALA B 93 -0.36 4.76 -30.84
CA ALA B 93 -0.93 6.08 -30.66
C ALA B 93 -1.17 6.39 -29.20
N LEU B 94 -1.67 5.41 -28.47
CA LEU B 94 -1.97 5.58 -27.06
C LEU B 94 -0.78 5.64 -26.10
N THR B 95 0.21 4.78 -26.32
CA THR B 95 1.36 4.71 -25.42
C THR B 95 2.62 5.43 -25.90
N GLY B 96 2.97 5.29 -27.16
CA GLY B 96 4.17 5.92 -27.66
C GLY B 96 5.24 4.90 -27.95
N PHE B 97 4.87 3.61 -27.92
CA PHE B 97 5.82 2.53 -28.19
C PHE B 97 5.10 1.47 -29.01
N ASP B 98 5.84 0.49 -29.53
CA ASP B 98 5.23 -0.56 -30.34
C ASP B 98 4.84 -1.79 -29.55
N ALA B 99 4.14 -2.69 -30.23
CA ALA B 99 3.73 -3.95 -29.64
C ALA B 99 5.05 -4.63 -29.34
N GLY B 100 5.14 -5.24 -28.16
CA GLY B 100 6.36 -5.93 -27.80
C GLY B 100 7.30 -5.15 -26.92
N GLY B 101 6.93 -3.92 -26.58
CA GLY B 101 7.77 -3.12 -25.72
C GLY B 101 7.06 -2.08 -24.87
N VAL B 102 5.74 -2.09 -24.87
CA VAL B 102 4.97 -1.12 -24.10
C VAL B 102 5.41 -1.02 -22.65
N PRO B 103 6.13 0.05 -22.30
CA PRO B 103 6.55 0.15 -20.90
C PRO B 103 5.31 0.42 -20.07
N PRO B 104 5.39 0.20 -18.76
CA PRO B 104 4.22 0.46 -17.90
C PRO B 104 3.93 1.94 -17.66
N VAL B 105 4.83 2.82 -18.14
CA VAL B 105 4.67 4.25 -17.95
C VAL B 105 5.16 5.08 -19.16
N GLY B 106 4.98 6.40 -19.09
CA GLY B 106 5.39 7.27 -20.17
C GLY B 106 4.55 7.08 -21.42
N HIS B 107 3.27 7.45 -21.35
CA HIS B 107 2.34 7.27 -22.46
C HIS B 107 1.71 8.56 -22.98
N ASN B 108 1.34 8.56 -24.27
CA ASN B 108 0.71 9.73 -24.89
C ASN B 108 -0.61 10.03 -24.18
N THR B 109 -1.13 9.01 -23.50
CA THR B 109 -2.37 9.14 -22.75
C THR B 109 -2.24 8.28 -21.51
N PRO B 110 -2.58 8.84 -20.34
CA PRO B 110 -2.48 8.06 -19.11
C PRO B 110 -3.62 7.04 -19.04
N LEU B 111 -3.28 5.78 -18.85
CA LEU B 111 -4.30 4.73 -18.76
C LEU B 111 -4.41 4.14 -17.37
N PRO B 112 -5.64 3.78 -16.96
CA PRO B 112 -5.88 3.19 -15.63
C PRO B 112 -5.23 1.80 -15.60
N ALA B 113 -4.66 1.40 -14.47
CA ALA B 113 -3.96 0.12 -14.42
C ALA B 113 -4.25 -0.89 -13.33
N TYR B 114 -4.12 -2.16 -13.69
CA TYR B 114 -4.30 -3.29 -12.80
C TYR B 114 -3.03 -4.15 -12.87
N LEU B 115 -2.58 -4.63 -11.71
CA LEU B 115 -1.36 -5.44 -11.61
C LEU B 115 -1.59 -6.85 -11.07
N ASP B 116 -1.07 -7.83 -11.81
CA ASP B 116 -1.20 -9.24 -11.45
C ASP B 116 -0.56 -9.57 -10.07
N GLU B 117 -1.42 -9.99 -9.14
CA GLU B 117 -0.99 -10.32 -7.77
C GLU B 117 0.13 -11.37 -7.71
N ASP B 118 0.25 -12.19 -8.74
CA ASP B 118 1.32 -13.19 -8.80
C ASP B 118 2.70 -12.53 -8.81
N LEU B 119 2.75 -11.23 -9.14
CA LEU B 119 4.02 -10.50 -9.19
C LEU B 119 4.57 -10.21 -7.78
N LEU B 120 3.68 -9.96 -6.83
CA LEU B 120 4.09 -9.69 -5.46
C LEU B 120 4.73 -10.94 -4.88
N GLY B 121 4.82 -12.00 -5.70
CA GLY B 121 5.39 -13.25 -5.25
C GLY B 121 6.90 -13.26 -5.09
N TYR B 122 7.59 -12.35 -5.78
CA TYR B 122 9.04 -12.26 -5.70
C TYR B 122 9.47 -10.91 -5.16
N PRO B 123 10.76 -10.77 -4.79
CA PRO B 123 11.24 -9.50 -4.27
C PRO B 123 11.30 -8.43 -5.37
N GLU B 124 11.59 -8.88 -6.59
CA GLU B 124 11.68 -7.95 -7.72
C GLU B 124 11.23 -8.54 -9.06
N VAL B 125 10.87 -7.63 -9.97
CA VAL B 125 10.39 -8.03 -11.29
C VAL B 125 11.05 -7.19 -12.40
N TRP B 126 10.84 -7.57 -13.66
CA TRP B 126 11.42 -6.84 -14.79
C TRP B 126 10.33 -6.37 -15.73
N ALA B 127 10.22 -5.05 -15.87
CA ALA B 127 9.22 -4.42 -16.73
C ALA B 127 9.83 -4.05 -18.07
N ALA B 128 8.95 -3.85 -19.05
CA ALA B 128 9.39 -3.49 -20.42
C ALA B 128 10.02 -2.11 -20.48
N GLY B 129 11.11 -2.01 -21.24
CA GLY B 129 11.81 -0.75 -21.35
C GLY B 129 11.56 0.08 -22.59
N GLY B 130 10.64 -0.34 -23.45
CA GLY B 130 10.36 0.45 -24.64
C GLY B 130 10.49 -0.27 -25.96
N THR B 131 11.22 -1.38 -25.95
CA THR B 131 11.41 -2.20 -27.14
C THR B 131 11.67 -3.61 -26.62
N PRO B 132 11.48 -4.63 -27.46
CA PRO B 132 11.72 -6.02 -27.01
C PRO B 132 13.16 -6.24 -26.58
N ARG B 133 13.95 -5.17 -26.51
CA ARG B 133 15.35 -5.29 -26.11
C ARG B 133 15.71 -4.37 -24.95
N ALA B 134 14.73 -4.06 -24.11
CA ALA B 134 14.96 -3.19 -22.98
C ALA B 134 14.13 -3.58 -21.77
N LEU B 135 14.77 -3.62 -20.61
CA LEU B 135 14.09 -3.95 -19.37
C LEU B 135 14.70 -3.10 -18.25
N PHE B 136 13.96 -2.94 -17.17
CA PHE B 136 14.47 -2.19 -16.04
C PHE B 136 13.91 -2.93 -14.83
N ARG B 137 14.73 -3.08 -13.81
CA ARG B 137 14.35 -3.83 -12.63
C ARG B 137 13.70 -2.99 -11.54
N ALA B 138 12.77 -3.61 -10.81
CA ALA B 138 12.09 -2.92 -9.72
C ALA B 138 11.34 -3.90 -8.82
N THR B 139 11.08 -3.47 -7.59
CA THR B 139 10.37 -4.27 -6.61
C THR B 139 8.89 -4.18 -6.96
N PRO B 140 8.06 -5.13 -6.52
CA PRO B 140 6.63 -5.00 -6.88
C PRO B 140 6.07 -3.72 -6.24
N LYS B 141 6.65 -3.32 -5.12
CA LYS B 141 6.21 -2.12 -4.42
C LYS B 141 6.41 -0.84 -5.24
N GLU B 142 7.61 -0.61 -5.75
CA GLU B 142 7.87 0.60 -6.54
C GLU B 142 7.00 0.62 -7.80
N LEU B 143 6.68 -0.58 -8.31
CA LEU B 143 5.86 -0.69 -9.50
C LEU B 143 4.50 -0.12 -9.16
N LEU B 144 4.00 -0.43 -7.97
CA LEU B 144 2.70 0.10 -7.58
C LEU B 144 2.83 1.61 -7.49
N ALA B 145 3.96 2.07 -6.96
CA ALA B 145 4.23 3.51 -6.83
C ALA B 145 4.30 4.23 -8.17
N LEU B 146 5.17 3.76 -9.07
CA LEU B 146 5.34 4.37 -10.38
C LEU B 146 4.04 4.53 -11.18
N THR B 147 3.15 3.55 -11.08
CA THR B 147 1.92 3.59 -11.84
C THR B 147 0.64 3.85 -11.08
N GLY B 148 0.58 3.45 -9.82
CA GLY B 148 -0.63 3.65 -9.04
C GLY B 148 -1.63 2.56 -9.35
N ALA B 149 -1.15 1.47 -9.96
CA ALA B 149 -1.99 0.31 -10.34
C ALA B 149 -2.67 -0.38 -9.16
N GLN B 150 -3.77 -1.07 -9.46
CA GLN B 150 -4.52 -1.82 -8.45
C GLN B 150 -4.19 -3.31 -8.49
N VAL B 151 -3.80 -3.85 -7.34
CA VAL B 151 -3.47 -5.27 -7.22
C VAL B 151 -4.76 -6.05 -7.48
N ALA B 152 -4.66 -7.14 -8.24
CA ALA B 152 -5.84 -7.93 -8.58
C ALA B 152 -5.58 -9.34 -9.07
N ASP B 153 -6.63 -10.15 -9.07
CA ASP B 153 -6.60 -11.53 -9.57
C ASP B 153 -6.93 -11.39 -11.07
N LEU B 154 -5.97 -11.69 -11.92
CA LEU B 154 -6.19 -11.52 -13.35
C LEU B 154 -6.08 -12.75 -14.25
N LYS B 155 -5.17 -13.66 -13.90
CA LYS B 155 -4.92 -14.86 -14.69
C LYS B 155 -6.04 -15.89 -14.81
N GLU B 156 -5.83 -16.80 -15.74
CA GLU B 156 -6.75 -17.89 -15.97
C GLU B 156 -6.10 -19.05 -15.20
N GLY B 157 -6.83 -19.64 -14.26
CA GLY B 157 -6.23 -20.71 -13.49
C GLY B 157 -7.04 -21.97 -13.26
N SER C 1 32.84 35.96 4.49
CA SER C 1 32.99 34.86 3.51
C SER C 1 32.46 33.54 4.08
N LEU C 2 32.90 32.43 3.50
CA LEU C 2 32.47 31.12 3.94
C LEU C 2 33.56 30.39 4.70
N SER C 3 33.18 29.83 5.84
CA SER C 3 34.11 29.08 6.69
C SER C 3 35.04 28.23 5.84
N PRO C 4 36.11 27.73 6.44
CA PRO C 4 37.07 26.89 5.72
C PRO C 4 36.39 25.67 5.12
N SER C 5 35.76 24.88 5.98
CA SER C 5 35.05 23.67 5.55
C SER C 5 34.11 23.93 4.38
N ALA C 6 33.28 24.96 4.52
CA ALA C 6 32.34 25.33 3.48
C ALA C 6 33.02 25.42 2.11
N ARG C 7 34.13 26.14 2.03
CA ARG C 7 34.82 26.27 0.75
C ARG C 7 35.51 24.98 0.37
N ARG C 8 35.91 24.20 1.37
CA ARG C 8 36.58 22.96 1.06
C ARG C 8 35.60 22.05 0.37
N VAL C 9 34.33 22.11 0.76
CA VAL C 9 33.32 21.28 0.11
C VAL C 9 33.08 21.79 -1.31
N GLN C 10 32.97 23.11 -1.44
CA GLN C 10 32.76 23.68 -2.75
C GLN C 10 33.92 23.30 -3.65
N GLY C 11 35.09 23.12 -3.06
CA GLY C 11 36.27 22.76 -3.81
C GLY C 11 36.18 21.36 -4.36
N ALA C 12 35.80 20.41 -3.51
CA ALA C 12 35.69 19.03 -3.96
C ALA C 12 34.62 18.87 -5.04
N LEU C 13 33.50 19.57 -4.87
CA LEU C 13 32.39 19.52 -5.84
C LEU C 13 32.86 19.81 -7.25
N GLU C 14 33.58 20.92 -7.40
CA GLU C 14 34.09 21.33 -8.69
C GLU C 14 35.05 20.27 -9.20
N THR C 15 35.84 19.71 -8.29
CA THR C 15 36.81 18.67 -8.64
C THR C 15 36.11 17.47 -9.28
N ARG C 16 35.01 17.05 -8.67
CA ARG C 16 34.24 15.92 -9.16
C ARG C 16 33.38 16.16 -10.39
N GLY C 17 33.42 17.37 -10.94
CA GLY C 17 32.62 17.65 -12.12
C GLY C 17 31.24 18.21 -11.82
N PHE C 18 31.00 18.59 -10.57
CA PHE C 18 29.73 19.15 -10.16
C PHE C 18 29.94 20.59 -9.72
N GLY C 19 30.62 21.35 -10.57
CA GLY C 19 30.90 22.73 -10.27
C GLY C 19 29.69 23.63 -10.21
N HIS C 20 28.63 23.32 -10.97
CA HIS C 20 27.43 24.15 -11.00
C HIS C 20 26.62 24.14 -9.70
N LEU C 21 26.92 23.19 -8.82
CA LEU C 21 26.23 23.09 -7.53
C LEU C 21 26.95 24.02 -6.57
N LYS C 22 26.21 24.85 -5.84
CA LYS C 22 26.84 25.82 -4.95
C LYS C 22 26.59 25.65 -3.47
N VAL C 23 27.65 25.89 -2.68
CA VAL C 23 27.60 25.81 -1.22
C VAL C 23 27.32 27.20 -0.64
N VAL C 24 26.40 27.25 0.33
CA VAL C 24 26.04 28.50 1.00
C VAL C 24 26.06 28.30 2.52
N GLU C 25 26.23 29.40 3.26
CA GLU C 25 26.27 29.34 4.72
C GLU C 25 25.10 30.13 5.32
N LEU C 26 24.30 29.40 6.09
CA LEU C 26 23.03 29.82 6.71
C LEU C 26 22.72 30.91 7.73
N PRO C 27 23.69 31.33 8.55
CA PRO C 27 23.45 32.35 9.57
C PRO C 27 22.20 33.20 9.44
N GLU C 35 18.20 23.86 11.30
CA GLU C 35 18.29 22.42 11.09
C GLU C 35 16.91 21.83 10.77
N ALA C 36 16.00 21.90 11.73
CA ALA C 36 14.65 21.41 11.53
C ALA C 36 13.82 22.67 11.32
N ALA C 37 14.45 23.65 10.67
CA ALA C 37 13.84 24.92 10.31
C ALA C 37 14.86 25.86 9.75
N GLN C 38 14.64 26.04 8.45
CA GLN C 38 15.42 26.75 7.44
C GLN C 38 15.04 28.13 6.94
N ALA C 39 16.07 28.97 6.80
CA ALA C 39 15.94 30.31 6.28
C ALA C 39 15.91 30.23 4.74
N VAL C 40 16.33 29.10 4.17
CA VAL C 40 16.32 28.95 2.72
C VAL C 40 14.93 28.64 2.19
N GLY C 41 14.01 28.33 3.10
CA GLY C 41 12.64 28.06 2.69
C GLY C 41 12.44 26.66 2.13
N ALA C 42 12.79 25.66 2.92
CA ALA C 42 12.63 24.27 2.50
C ALA C 42 12.14 23.42 3.66
N GLU C 43 11.17 22.55 3.37
CA GLU C 43 10.64 21.70 4.41
C GLU C 43 11.77 20.91 5.01
N VAL C 44 11.57 20.49 6.25
CA VAL C 44 12.56 19.73 6.97
C VAL C 44 12.71 18.31 6.39
N GLY C 45 11.96 18.01 5.33
CA GLY C 45 12.03 16.71 4.69
C GLY C 45 12.99 16.71 3.51
N GLN C 46 13.38 17.91 3.09
CA GLN C 46 14.30 18.08 1.98
C GLN C 46 15.72 18.15 2.52
N ILE C 47 15.84 18.19 3.84
CA ILE C 47 17.15 18.25 4.46
C ILE C 47 17.80 16.88 4.54
N VAL C 48 19.01 16.80 3.99
CA VAL C 48 19.78 15.56 3.97
C VAL C 48 20.79 15.53 5.10
N LYS C 49 20.57 14.64 6.06
CA LYS C 49 21.48 14.49 7.17
C LYS C 49 22.49 13.41 6.81
N SER C 50 23.76 13.61 7.19
CA SER C 50 24.80 12.64 6.90
C SER C 50 25.13 11.87 8.18
N LEU C 51 24.72 10.60 8.21
CA LEU C 51 24.94 9.77 9.39
C LEU C 51 25.94 8.68 9.12
N VAL C 52 27.09 8.72 9.80
CA VAL C 52 28.07 7.68 9.61
C VAL C 52 27.96 6.70 10.79
N TYR C 53 27.87 5.42 10.43
CA TYR C 53 27.78 4.35 11.41
C TYR C 53 28.98 3.46 11.16
N GLY C 54 29.62 3.03 12.25
CA GLY C 54 30.78 2.17 12.13
C GLY C 54 30.41 0.71 12.15
N GLY C 55 31.13 -0.06 11.35
CA GLY C 55 30.90 -1.49 11.28
C GLY C 55 32.22 -2.26 11.34
N GLU C 56 32.20 -3.49 10.83
CA GLU C 56 33.40 -4.33 10.84
C GLU C 56 34.29 -4.03 9.62
N LYS C 57 33.70 -3.55 8.53
CA LYS C 57 34.52 -3.21 7.38
C LYS C 57 35.27 -2.00 7.86
N GLY C 58 34.54 -0.89 7.87
CA GLY C 58 35.08 0.38 8.31
C GLY C 58 33.87 1.20 8.72
N ALA C 59 33.58 2.24 7.96
CA ALA C 59 32.46 3.10 8.28
C ALA C 59 31.49 3.23 7.11
N TYR C 60 30.29 3.68 7.42
CA TYR C 60 29.30 3.87 6.37
C TYR C 60 28.69 5.25 6.54
N LEU C 61 27.83 5.59 5.60
CA LEU C 61 27.17 6.90 5.60
C LEU C 61 25.73 6.70 5.15
N PHE C 62 24.81 7.37 5.83
CA PHE C 62 23.42 7.24 5.48
C PHE C 62 22.80 8.62 5.27
N LEU C 63 22.33 8.84 4.05
CA LEU C 63 21.70 10.08 3.67
C LEU C 63 20.20 9.91 3.92
N VAL C 64 19.76 10.38 5.09
CA VAL C 64 18.38 10.25 5.49
C VAL C 64 17.65 11.59 5.56
N SER C 65 16.39 11.56 5.14
CA SER C 65 15.51 12.73 5.14
C SER C 65 15.34 13.29 6.55
N GLY C 66 15.26 14.61 6.64
CA GLY C 66 15.11 15.28 7.93
C GLY C 66 13.85 14.95 8.74
N LYS C 67 12.84 14.37 8.11
CA LYS C 67 11.60 14.02 8.81
C LYS C 67 11.60 12.59 9.36
N ASN C 68 12.55 11.78 8.89
CA ASN C 68 12.65 10.39 9.32
C ASN C 68 13.82 10.09 10.24
N ARG C 69 13.86 8.84 10.71
CA ARG C 69 14.92 8.37 11.59
C ARG C 69 15.41 7.08 10.95
N LEU C 70 16.69 6.79 11.09
CA LEU C 70 17.26 5.57 10.51
C LEU C 70 16.85 4.32 11.32
N ASP C 71 16.30 3.32 10.65
CA ASP C 71 15.92 2.08 11.33
C ASP C 71 17.12 1.14 11.28
N LEU C 72 17.70 0.86 12.45
CA LEU C 72 18.84 -0.05 12.52
C LEU C 72 18.54 -1.38 11.84
N GLY C 73 17.33 -1.88 12.03
CA GLY C 73 16.95 -3.14 11.42
C GLY C 73 17.21 -3.11 9.93
N LYS C 74 16.67 -2.09 9.27
CA LYS C 74 16.84 -1.94 7.83
C LYS C 74 18.26 -1.54 7.40
N ALA C 75 19.07 -1.08 8.35
CA ALA C 75 20.44 -0.68 8.06
C ALA C 75 21.43 -1.83 8.20
N THR C 76 21.23 -2.64 9.24
CA THR C 76 22.10 -3.76 9.46
C THR C 76 21.96 -4.77 8.30
N ARG C 77 20.72 -5.03 7.88
CA ARG C 77 20.46 -5.96 6.79
C ARG C 77 21.17 -5.50 5.52
N LEU C 78 21.09 -4.20 5.23
CA LEU C 78 21.74 -3.64 4.06
C LEU C 78 23.22 -3.90 4.02
N VAL C 79 23.92 -3.48 5.06
CA VAL C 79 25.37 -3.65 5.17
C VAL C 79 25.78 -5.12 5.22
N GLY C 80 25.18 -5.85 6.16
CA GLY C 80 25.48 -7.27 6.32
C GLY C 80 26.07 -7.56 7.69
N GLY C 81 25.85 -6.67 8.63
CA GLY C 81 26.38 -6.89 9.97
C GLY C 81 25.91 -5.85 10.98
N PRO C 82 26.43 -5.91 12.22
CA PRO C 82 26.07 -4.99 13.29
C PRO C 82 26.48 -3.56 12.93
N LEU C 83 25.77 -2.57 13.44
CA LEU C 83 26.16 -1.19 13.14
C LEU C 83 26.08 -0.33 14.39
N LEU C 84 27.18 0.34 14.69
CA LEU C 84 27.25 1.21 15.84
C LEU C 84 27.44 2.66 15.37
N GLU C 85 26.52 3.54 15.77
CA GLU C 85 26.63 4.93 15.38
C GLU C 85 27.93 5.48 15.89
N ALA C 86 28.59 6.23 15.02
CA ALA C 86 29.90 6.78 15.35
C ALA C 86 29.97 8.00 16.25
N ASP C 87 31.07 8.03 16.99
CA ASP C 87 31.38 9.05 17.97
C ASP C 87 31.87 10.37 17.35
N LYS C 88 31.11 11.44 17.62
CA LYS C 88 31.41 12.77 17.18
C LYS C 88 32.87 12.97 16.80
N TRP C 89 33.78 12.89 17.77
CA TRP C 89 35.19 13.08 17.48
C TRP C 89 35.74 12.01 16.54
N ALA C 90 35.35 10.76 16.75
CA ALA C 90 35.84 9.67 15.88
C ALA C 90 35.41 9.98 14.46
N VAL C 91 34.76 11.13 14.28
CA VAL C 91 34.33 11.58 12.96
C VAL C 91 35.20 12.76 12.52
N ALA C 92 35.53 13.61 13.48
CA ALA C 92 36.37 14.74 13.15
C ALA C 92 37.68 14.11 12.65
N ALA C 93 38.04 12.96 13.21
CA ALA C 93 39.29 12.28 12.84
C ALA C 93 39.17 11.26 11.71
N LEU C 94 37.93 10.98 11.25
CA LEU C 94 37.76 10.00 10.17
C LEU C 94 37.35 10.66 8.86
N THR C 95 36.62 11.76 8.96
CA THR C 95 36.16 12.49 7.79
C THR C 95 36.86 13.82 7.60
N GLY C 96 37.23 14.45 8.72
CA GLY C 96 37.90 15.73 8.64
C GLY C 96 36.84 16.79 8.77
N PHE C 97 35.65 16.37 9.16
CA PHE C 97 34.54 17.31 9.33
C PHE C 97 33.77 17.10 10.63
N ASP C 98 33.03 18.15 10.98
CA ASP C 98 32.21 18.21 12.17
C ASP C 98 30.93 17.41 11.99
N ALA C 99 30.49 16.72 13.04
CA ALA C 99 29.26 15.92 12.97
C ALA C 99 28.07 16.87 12.92
N GLY C 100 27.17 16.64 11.98
CA GLY C 100 26.01 17.50 11.84
C GLY C 100 26.18 18.39 10.62
N GLY C 101 27.36 18.30 10.02
CA GLY C 101 27.67 19.09 8.85
C GLY C 101 28.49 18.26 7.88
N VAL C 102 28.32 16.94 7.95
CA VAL C 102 29.04 16.02 7.09
C VAL C 102 28.60 16.11 5.62
N PRO C 103 29.55 16.45 4.73
CA PRO C 103 29.24 16.56 3.30
C PRO C 103 29.25 15.19 2.65
N PRO C 104 28.34 14.94 1.70
CA PRO C 104 28.26 13.64 1.02
C PRO C 104 29.43 13.34 0.06
N VAL C 105 30.51 14.11 0.17
CA VAL C 105 31.71 13.94 -0.65
C VAL C 105 32.88 14.70 -0.05
N GLY C 106 34.08 14.41 -0.56
CA GLY C 106 35.27 15.10 -0.09
C GLY C 106 35.94 14.51 1.13
N HIS C 107 35.31 13.52 1.74
CA HIS C 107 35.84 12.86 2.93
C HIS C 107 37.29 12.43 2.80
N ASN C 108 38.05 12.61 3.87
CA ASN C 108 39.45 12.22 3.87
C ASN C 108 39.51 10.83 3.24
N THR C 109 38.69 9.90 3.72
CA THR C 109 38.67 8.56 3.13
C THR C 109 37.26 8.22 2.64
N PRO C 110 37.14 7.69 1.42
CA PRO C 110 35.83 7.34 0.84
C PRO C 110 35.01 6.33 1.65
N LEU C 111 33.69 6.46 1.59
CA LEU C 111 32.80 5.58 2.34
C LEU C 111 31.58 5.09 1.55
N PRO C 112 31.17 3.83 1.78
CA PRO C 112 30.00 3.29 1.08
C PRO C 112 28.81 4.13 1.53
N ALA C 113 27.88 4.44 0.65
CA ALA C 113 26.74 5.29 1.00
C ALA C 113 25.35 4.79 0.64
N TYR C 114 24.43 4.95 1.59
CA TYR C 114 23.02 4.57 1.41
C TYR C 114 22.16 5.85 1.41
N LEU C 115 21.04 5.80 0.71
CA LEU C 115 20.20 7.00 0.57
C LEU C 115 18.68 6.84 0.77
N ASP C 116 18.16 7.51 1.80
CA ASP C 116 16.73 7.49 2.11
C ASP C 116 15.96 7.63 0.81
N GLU C 117 15.06 6.69 0.55
CA GLU C 117 14.25 6.70 -0.66
C GLU C 117 13.24 7.85 -0.65
N ASP C 118 12.79 8.23 0.55
CA ASP C 118 11.81 9.31 0.72
C ASP C 118 12.30 10.67 0.18
N LEU C 119 13.55 10.74 -0.27
CA LEU C 119 14.10 11.99 -0.81
C LEU C 119 13.88 12.15 -2.32
N LEU C 120 13.53 11.05 -2.97
CA LEU C 120 13.29 11.07 -4.42
C LEU C 120 11.97 11.77 -4.76
N GLY C 121 11.09 11.90 -3.78
CA GLY C 121 9.82 12.54 -4.03
C GLY C 121 9.87 14.05 -3.95
N TYR C 122 11.06 14.62 -4.11
CA TYR C 122 11.20 16.06 -4.05
C TYR C 122 11.91 16.60 -5.28
N PRO C 123 11.59 17.83 -5.68
CA PRO C 123 12.21 18.45 -6.86
C PRO C 123 13.67 18.71 -6.52
N GLU C 124 13.92 19.11 -5.27
CA GLU C 124 15.29 19.35 -4.82
C GLU C 124 15.47 19.15 -3.31
N VAL C 125 16.71 18.91 -2.91
CA VAL C 125 17.05 18.70 -1.51
C VAL C 125 18.29 19.55 -1.18
N TRP C 126 18.66 19.60 0.09
CA TRP C 126 19.85 20.36 0.51
C TRP C 126 20.75 19.47 1.41
N ALA C 127 21.95 19.19 0.93
CA ALA C 127 22.90 18.36 1.66
C ALA C 127 23.78 19.20 2.59
N ALA C 128 24.48 18.54 3.52
CA ALA C 128 25.33 19.25 4.46
C ALA C 128 26.53 19.91 3.76
N GLY C 129 26.87 21.12 4.17
CA GLY C 129 27.95 21.84 3.52
C GLY C 129 29.34 21.74 4.11
N GLY C 130 29.49 20.99 5.20
CA GLY C 130 30.79 20.85 5.83
C GLY C 130 30.71 21.33 7.24
N THR C 131 29.68 22.12 7.52
CA THR C 131 29.44 22.68 8.84
C THR C 131 27.94 22.50 9.09
N PRO C 132 27.49 22.57 10.35
CA PRO C 132 26.06 22.41 10.64
C PRO C 132 25.23 23.57 10.09
N ARG C 133 25.92 24.49 9.44
CA ARG C 133 25.31 25.69 8.90
C ARG C 133 25.47 25.81 7.38
N ALA C 134 26.41 25.06 6.83
CA ALA C 134 26.63 25.08 5.39
C ALA C 134 25.68 24.13 4.70
N LEU C 135 25.17 24.55 3.54
CA LEU C 135 24.23 23.75 2.75
C LEU C 135 24.45 24.01 1.28
N PHE C 136 23.89 23.14 0.43
CA PHE C 136 24.00 23.33 -1.01
C PHE C 136 22.85 22.59 -1.67
N ARG C 137 22.17 23.24 -2.59
CA ARG C 137 21.03 22.63 -3.25
C ARG C 137 21.33 21.67 -4.41
N ALA C 138 20.53 20.62 -4.50
CA ALA C 138 20.68 19.61 -5.54
C ALA C 138 19.41 18.80 -5.75
N THR C 139 19.14 18.45 -6.99
CA THR C 139 17.99 17.61 -7.27
C THR C 139 18.45 16.22 -6.88
N PRO C 140 17.53 15.31 -6.58
CA PRO C 140 17.93 13.96 -6.20
C PRO C 140 18.73 13.27 -7.31
N LYS C 141 18.50 13.70 -8.54
CA LYS C 141 19.17 13.18 -9.73
C LYS C 141 20.68 13.46 -9.69
N GLU C 142 21.03 14.70 -9.37
CA GLU C 142 22.44 15.09 -9.31
C GLU C 142 23.14 14.48 -8.09
N LEU C 143 22.44 14.44 -6.96
CA LEU C 143 23.02 13.88 -5.75
C LEU C 143 23.34 12.39 -5.91
N LEU C 144 22.55 11.68 -6.71
CA LEU C 144 22.80 10.26 -6.95
C LEU C 144 24.06 10.04 -7.75
N ALA C 145 24.22 10.80 -8.82
CA ALA C 145 25.39 10.71 -9.69
C ALA C 145 26.62 11.23 -8.95
N LEU C 146 26.37 12.19 -8.08
CA LEU C 146 27.42 12.82 -7.30
C LEU C 146 27.93 11.91 -6.19
N THR C 147 27.17 10.88 -5.84
CA THR C 147 27.58 9.99 -4.76
C THR C 147 27.54 8.50 -5.11
N GLY C 148 26.72 8.13 -6.09
CA GLY C 148 26.62 6.73 -6.46
C GLY C 148 25.96 5.94 -5.35
N ALA C 149 25.27 6.63 -4.45
CA ALA C 149 24.60 5.94 -3.34
C ALA C 149 23.71 4.78 -3.78
N GLN C 150 22.98 4.26 -2.81
CA GLN C 150 22.07 3.14 -3.00
C GLN C 150 20.72 3.54 -2.43
N VAL C 151 19.71 3.69 -3.29
CA VAL C 151 18.40 4.05 -2.81
C VAL C 151 17.99 2.93 -1.90
N ALA C 152 17.29 3.23 -0.82
CA ALA C 152 16.88 2.20 0.12
C ALA C 152 15.81 2.62 1.11
N ASP C 153 15.07 1.62 1.59
CA ASP C 153 14.01 1.79 2.56
C ASP C 153 14.68 1.82 3.93
N LEU C 154 15.02 3.02 4.40
CA LEU C 154 15.74 3.14 5.66
C LEU C 154 14.97 3.67 6.84
N LYS C 155 13.71 4.04 6.63
CA LYS C 155 12.94 4.60 7.75
C LYS C 155 12.23 3.63 8.69
N GLU C 156 11.99 4.12 9.90
CA GLU C 156 11.29 3.34 10.91
C GLU C 156 9.83 3.66 10.62
N GLY C 157 8.91 2.77 11.01
CA GLY C 157 7.50 3.00 10.77
C GLY C 157 7.11 2.68 9.33
N SER D 1 -2.67 -1.06 16.29
CA SER D 1 -3.95 -0.63 16.90
C SER D 1 -4.70 0.34 16.00
N LEU D 2 -5.86 0.78 16.47
CA LEU D 2 -6.67 1.74 15.74
C LEU D 2 -6.08 3.14 15.88
N SER D 3 -6.25 3.95 14.86
CA SER D 3 -5.73 5.31 14.88
C SER D 3 -6.46 6.14 15.92
N PRO D 4 -5.87 7.27 16.33
CA PRO D 4 -6.47 8.18 17.32
C PRO D 4 -7.70 8.86 16.74
N SER D 5 -7.70 9.04 15.41
CA SER D 5 -8.81 9.67 14.68
C SER D 5 -9.92 8.68 14.48
N ALA D 6 -9.56 7.45 14.15
CA ALA D 6 -10.57 6.42 13.93
C ALA D 6 -11.28 6.20 15.27
N ARG D 7 -10.55 6.40 16.36
CA ARG D 7 -11.09 6.23 17.67
C ARG D 7 -11.97 7.40 18.08
N ARG D 8 -11.65 8.60 17.60
CA ARG D 8 -12.48 9.77 17.94
C ARG D 8 -13.87 9.57 17.35
N VAL D 9 -13.88 9.19 16.07
CA VAL D 9 -15.10 8.94 15.32
C VAL D 9 -15.96 7.95 16.06
N GLN D 10 -15.37 6.84 16.47
CA GLN D 10 -16.09 5.80 17.21
C GLN D 10 -16.76 6.40 18.46
N GLY D 11 -16.11 7.38 19.07
CA GLY D 11 -16.68 7.99 20.25
C GLY D 11 -17.91 8.83 19.91
N ALA D 12 -17.85 9.51 18.76
CA ALA D 12 -18.95 10.36 18.33
C ALA D 12 -20.21 9.57 18.07
N LEU D 13 -20.06 8.43 17.41
CA LEU D 13 -21.17 7.56 17.08
C LEU D 13 -21.80 7.06 18.37
N GLU D 14 -20.96 6.80 19.38
CA GLU D 14 -21.45 6.30 20.66
C GLU D 14 -22.23 7.39 21.41
N THR D 15 -21.64 8.57 21.55
CA THR D 15 -22.30 9.66 22.26
C THR D 15 -23.64 9.99 21.64
N ARG D 16 -23.70 9.98 20.30
CA ARG D 16 -24.94 10.29 19.57
C ARG D 16 -25.99 9.18 19.53
N GLY D 17 -25.69 8.02 20.11
CA GLY D 17 -26.66 6.94 20.12
C GLY D 17 -26.56 5.92 18.99
N PHE D 18 -25.40 5.83 18.36
CA PHE D 18 -25.24 4.86 17.29
C PHE D 18 -24.01 4.00 17.55
N GLY D 19 -23.85 3.61 18.81
CA GLY D 19 -22.73 2.79 19.22
C GLY D 19 -22.66 1.40 18.62
N HIS D 20 -23.78 0.87 18.09
CA HIS D 20 -23.72 -0.49 17.54
C HIS D 20 -22.92 -0.56 16.26
N LEU D 21 -22.65 0.61 15.66
CA LEU D 21 -21.84 0.66 14.44
C LEU D 21 -20.37 0.56 14.91
N LYS D 22 -19.48 0.07 14.05
CA LYS D 22 -18.10 -0.12 14.45
C LYS D 22 -17.13 0.35 13.38
N VAL D 23 -16.12 1.11 13.79
CA VAL D 23 -15.11 1.63 12.88
C VAL D 23 -13.90 0.69 12.72
N VAL D 24 -13.54 0.39 11.48
CA VAL D 24 -12.40 -0.46 11.21
C VAL D 24 -11.37 0.23 10.30
N GLU D 25 -10.11 -0.19 10.43
CA GLU D 25 -9.03 0.38 9.61
C GLU D 25 -8.37 -0.63 8.68
N LEU D 26 -8.24 -0.23 7.43
CA LEU D 26 -7.63 -1.04 6.39
C LEU D 26 -6.15 -0.69 6.28
N PRO D 27 -5.37 -1.52 5.56
CA PRO D 27 -3.92 -1.36 5.35
C PRO D 27 -3.43 0.05 5.00
N ALA D 28 -2.24 0.38 5.46
CA ALA D 28 -1.64 1.69 5.20
C ALA D 28 -1.37 1.94 3.72
N SER D 29 -1.78 1.02 2.87
CA SER D 29 -1.55 1.18 1.45
C SER D 29 -2.81 1.63 0.73
N THR D 30 -3.96 1.40 1.34
CA THR D 30 -5.23 1.78 0.73
C THR D 30 -5.16 3.27 0.39
N ARG D 31 -5.77 3.62 -0.74
CA ARG D 31 -5.75 5.00 -1.23
C ARG D 31 -6.95 5.36 -2.12
N THR D 32 -7.67 4.36 -2.60
CA THR D 32 -8.78 4.62 -3.49
C THR D 32 -10.12 4.05 -3.04
N ALA D 33 -11.17 4.46 -3.75
CA ALA D 33 -12.52 3.99 -3.45
C ALA D 33 -12.64 2.52 -3.81
N LYS D 34 -12.37 2.21 -5.07
CA LYS D 34 -12.44 0.83 -5.58
C LYS D 34 -11.59 -0.11 -4.75
N GLU D 35 -10.47 0.39 -4.24
CA GLU D 35 -9.60 -0.44 -3.42
C GLU D 35 -10.28 -0.83 -2.09
N ALA D 36 -10.66 0.17 -1.30
CA ALA D 36 -11.31 -0.09 -0.02
C ALA D 36 -12.54 -0.98 -0.25
N ALA D 37 -13.24 -0.74 -1.34
CA ALA D 37 -14.43 -1.53 -1.64
C ALA D 37 -14.00 -3.00 -1.76
N GLN D 38 -12.95 -3.24 -2.52
CA GLN D 38 -12.44 -4.59 -2.70
C GLN D 38 -11.93 -5.14 -1.37
N ALA D 39 -11.29 -4.27 -0.58
CA ALA D 39 -10.75 -4.68 0.71
C ALA D 39 -11.82 -5.21 1.65
N VAL D 40 -13.05 -4.71 1.51
CA VAL D 40 -14.13 -5.15 2.39
C VAL D 40 -15.24 -5.93 1.70
N GLY D 41 -15.02 -6.38 0.48
CA GLY D 41 -16.03 -7.16 -0.22
C GLY D 41 -17.19 -6.38 -0.83
N ALA D 42 -17.20 -5.07 -0.63
CA ALA D 42 -18.28 -4.23 -1.18
C ALA D 42 -17.98 -3.65 -2.55
N GLU D 43 -18.99 -3.02 -3.13
CA GLU D 43 -18.91 -2.38 -4.43
C GLU D 43 -18.53 -0.91 -4.24
N VAL D 44 -17.79 -0.34 -5.17
CA VAL D 44 -17.40 1.05 -5.04
C VAL D 44 -18.64 1.93 -4.90
N GLY D 45 -19.76 1.44 -5.41
CA GLY D 45 -20.99 2.19 -5.30
C GLY D 45 -21.49 2.25 -3.86
N GLN D 46 -21.06 1.27 -3.06
CA GLN D 46 -21.43 1.18 -1.66
C GLN D 46 -20.51 2.05 -0.78
N ILE D 47 -19.44 2.57 -1.37
CA ILE D 47 -18.49 3.43 -0.68
C ILE D 47 -18.98 4.88 -0.69
N VAL D 48 -19.27 5.46 0.47
CA VAL D 48 -19.77 6.83 0.55
C VAL D 48 -18.62 7.88 0.57
N LYS D 49 -18.78 8.95 -0.19
CA LYS D 49 -17.79 10.02 -0.23
C LYS D 49 -18.29 11.27 0.48
N SER D 50 -17.47 11.78 1.41
CA SER D 50 -17.80 13.01 2.15
C SER D 50 -17.11 14.18 1.43
N LEU D 51 -17.91 14.99 0.74
CA LEU D 51 -17.42 16.13 -0.02
C LEU D 51 -17.77 17.46 0.63
N VAL D 52 -16.76 18.30 0.83
CA VAL D 52 -17.02 19.58 1.47
C VAL D 52 -16.90 20.77 0.52
N TYR D 53 -17.97 21.56 0.45
CA TYR D 53 -18.03 22.75 -0.40
C TYR D 53 -18.48 23.88 0.48
N GLY D 54 -18.07 25.10 0.15
CA GLY D 54 -18.47 26.24 0.95
C GLY D 54 -19.22 27.25 0.10
N GLY D 55 -20.29 27.80 0.66
CA GLY D 55 -21.06 28.80 -0.03
C GLY D 55 -21.07 30.12 0.73
N GLU D 56 -22.11 30.90 0.53
CA GLU D 56 -22.29 32.20 1.17
C GLU D 56 -22.58 32.12 2.66
N LYS D 57 -23.55 31.28 3.05
CA LYS D 57 -23.91 31.11 4.45
C LYS D 57 -22.96 30.19 5.24
N GLY D 58 -22.17 29.39 4.52
CA GLY D 58 -21.23 28.51 5.19
C GLY D 58 -20.74 27.36 4.32
N ALA D 59 -20.19 26.32 4.94
CA ALA D 59 -19.72 25.16 4.20
C ALA D 59 -20.84 24.14 4.21
N TYR D 60 -20.77 23.19 3.29
CA TYR D 60 -21.75 22.13 3.18
C TYR D 60 -21.09 20.79 2.99
N LEU D 61 -21.81 19.73 3.31
CA LEU D 61 -21.30 18.38 3.19
C LEU D 61 -22.16 17.64 2.19
N PHE D 62 -21.54 17.01 1.19
CA PHE D 62 -22.29 16.25 0.22
C PHE D 62 -21.91 14.77 0.28
N LEU D 63 -22.87 13.94 0.65
CA LEU D 63 -22.62 12.50 0.75
C LEU D 63 -22.95 11.87 -0.58
N VAL D 64 -21.89 11.54 -1.31
CA VAL D 64 -21.98 10.98 -2.65
C VAL D 64 -21.48 9.53 -2.75
N SER D 65 -22.17 8.74 -3.55
CA SER D 65 -21.78 7.35 -3.76
C SER D 65 -20.44 7.28 -4.49
N GLY D 66 -19.73 6.18 -4.30
CA GLY D 66 -18.44 6.03 -4.94
C GLY D 66 -18.49 5.84 -6.45
N LYS D 67 -19.65 5.46 -6.98
CA LYS D 67 -19.77 5.27 -8.43
C LYS D 67 -20.24 6.52 -9.14
N ASN D 68 -20.48 7.57 -8.36
CA ASN D 68 -20.94 8.81 -8.97
C ASN D 68 -19.97 9.96 -8.74
N ARG D 69 -20.32 11.08 -9.35
CA ARG D 69 -19.55 12.30 -9.20
C ARG D 69 -20.59 13.40 -9.05
N LEU D 70 -20.26 14.39 -8.22
CA LEU D 70 -21.16 15.50 -7.95
C LEU D 70 -21.41 16.42 -9.13
N ASP D 71 -22.69 16.73 -9.34
CA ASP D 71 -23.14 17.61 -10.40
C ASP D 71 -23.29 19.00 -9.76
N LEU D 72 -22.42 19.94 -10.14
CA LEU D 72 -22.46 21.28 -9.58
C LEU D 72 -23.72 22.06 -9.94
N GLY D 73 -24.33 21.71 -11.07
CA GLY D 73 -25.57 22.38 -11.45
C GLY D 73 -26.67 22.07 -10.46
N LYS D 74 -26.68 20.83 -9.96
CA LYS D 74 -27.67 20.39 -8.99
C LYS D 74 -27.33 20.89 -7.58
N ALA D 75 -26.08 20.71 -7.18
CA ALA D 75 -25.64 21.13 -5.85
C ALA D 75 -25.93 22.61 -5.57
N THR D 76 -25.54 23.45 -6.51
CA THR D 76 -25.73 24.89 -6.40
C THR D 76 -27.21 25.25 -6.41
N ARG D 77 -28.01 24.38 -7.01
CA ARG D 77 -29.46 24.56 -7.12
C ARG D 77 -30.09 24.35 -5.74
N LEU D 78 -29.74 23.23 -5.10
CA LEU D 78 -30.25 22.90 -3.77
C LEU D 78 -29.91 23.95 -2.72
N VAL D 79 -28.66 24.42 -2.72
CA VAL D 79 -28.19 25.41 -1.76
C VAL D 79 -28.67 26.83 -2.07
N GLY D 80 -28.86 27.12 -3.35
CA GLY D 80 -29.34 28.44 -3.72
C GLY D 80 -28.25 29.49 -3.79
N GLY D 81 -27.05 29.09 -4.24
CA GLY D 81 -25.95 30.03 -4.36
C GLY D 81 -24.74 29.32 -4.95
N PRO D 82 -23.68 30.04 -5.29
CA PRO D 82 -22.46 29.42 -5.85
C PRO D 82 -21.67 28.71 -4.76
N LEU D 83 -20.85 27.74 -5.15
CA LEU D 83 -20.05 26.98 -4.19
C LEU D 83 -18.65 26.65 -4.69
N LEU D 84 -17.70 26.57 -3.76
CA LEU D 84 -16.31 26.24 -4.05
C LEU D 84 -15.89 25.02 -3.21
N GLU D 85 -15.32 24.03 -3.86
CA GLU D 85 -14.89 22.86 -3.12
C GLU D 85 -13.81 23.29 -2.13
N ALA D 86 -14.18 23.33 -0.86
CA ALA D 86 -13.23 23.72 0.18
C ALA D 86 -11.97 22.94 -0.03
N ASP D 87 -10.83 23.61 0.12
CA ASP D 87 -9.56 22.92 -0.03
C ASP D 87 -9.40 22.13 1.25
N LYS D 88 -8.38 21.27 1.28
CA LYS D 88 -8.12 20.38 2.40
C LYS D 88 -7.69 20.93 3.77
N TRP D 89 -6.98 22.05 3.79
CA TRP D 89 -6.57 22.61 5.08
C TRP D 89 -7.89 23.12 5.64
N ALA D 90 -8.67 23.76 4.78
CA ALA D 90 -9.96 24.28 5.21
C ALA D 90 -10.81 23.13 5.74
N VAL D 91 -10.77 21.98 5.05
CA VAL D 91 -11.55 20.82 5.46
C VAL D 91 -11.15 20.33 6.86
N ALA D 92 -9.86 20.27 7.11
CA ALA D 92 -9.36 19.86 8.41
C ALA D 92 -9.91 20.75 9.53
N ALA D 93 -10.02 22.05 9.26
CA ALA D 93 -10.50 23.00 10.25
C ALA D 93 -11.97 22.82 10.61
N LEU D 94 -12.83 22.82 9.59
CA LEU D 94 -14.28 22.67 9.76
C LEU D 94 -14.69 21.30 10.32
N THR D 95 -13.96 20.25 9.92
CA THR D 95 -14.27 18.89 10.37
C THR D 95 -13.31 18.33 11.41
N GLY D 96 -12.03 18.67 11.29
CA GLY D 96 -11.06 18.17 12.24
C GLY D 96 -10.36 16.90 11.76
N PHE D 97 -10.70 16.46 10.57
CA PHE D 97 -10.08 15.25 10.06
C PHE D 97 -9.49 15.37 8.67
N ASP D 98 -8.72 14.34 8.34
CA ASP D 98 -8.03 14.17 7.08
C ASP D 98 -9.04 14.38 5.95
N ALA D 99 -8.64 15.18 4.95
CA ALA D 99 -9.51 15.47 3.82
C ALA D 99 -10.04 14.21 3.14
N GLY D 100 -9.25 13.14 3.18
CA GLY D 100 -9.66 11.90 2.56
C GLY D 100 -10.49 10.98 3.43
N GLY D 101 -10.84 11.41 4.65
CA GLY D 101 -11.64 10.53 5.49
C GLY D 101 -12.58 11.21 6.45
N VAL D 102 -13.03 12.41 6.10
CA VAL D 102 -13.91 13.10 7.03
C VAL D 102 -15.17 12.28 7.29
N PRO D 103 -15.50 12.12 8.57
CA PRO D 103 -16.66 11.38 9.02
C PRO D 103 -17.96 12.15 8.70
N PRO D 104 -19.08 11.44 8.65
CA PRO D 104 -20.34 12.13 8.35
C PRO D 104 -20.83 12.97 9.52
N VAL D 105 -20.28 12.71 10.70
CA VAL D 105 -20.63 13.46 11.93
C VAL D 105 -19.43 13.74 12.85
N GLY D 106 -19.71 14.46 13.93
CA GLY D 106 -18.70 14.79 14.91
C GLY D 106 -17.66 15.77 14.41
N HIS D 107 -18.10 16.74 13.63
CA HIS D 107 -17.18 17.73 13.09
C HIS D 107 -16.90 18.82 14.12
N ASN D 108 -16.06 19.78 13.78
CA ASN D 108 -15.77 20.84 14.73
C ASN D 108 -16.82 21.94 14.57
N THR D 109 -17.65 21.78 13.56
CA THR D 109 -18.72 22.71 13.28
C THR D 109 -19.81 22.03 12.46
N PRO D 110 -21.03 22.01 13.01
CA PRO D 110 -22.21 21.40 12.36
C PRO D 110 -22.26 21.72 10.85
N LEU D 111 -22.40 20.67 10.04
CA LEU D 111 -22.41 20.81 8.58
C LEU D 111 -23.70 20.42 7.82
N PRO D 112 -24.44 21.39 7.28
CA PRO D 112 -25.67 21.07 6.54
C PRO D 112 -25.31 19.99 5.51
N ALA D 113 -26.11 18.92 5.44
CA ALA D 113 -25.79 17.81 4.54
C ALA D 113 -26.84 17.39 3.53
N TYR D 114 -26.36 16.68 2.50
CA TYR D 114 -27.19 16.13 1.43
C TYR D 114 -26.70 14.72 1.16
N LEU D 115 -27.63 13.82 0.88
CA LEU D 115 -27.28 12.44 0.62
C LEU D 115 -27.74 11.99 -0.78
N ASP D 116 -26.79 11.58 -1.60
CA ASP D 116 -27.07 11.09 -2.94
C ASP D 116 -28.08 9.96 -2.80
N GLU D 117 -29.27 10.17 -3.39
CA GLU D 117 -30.35 9.17 -3.32
C GLU D 117 -29.96 7.74 -3.75
N ASP D 118 -28.89 7.60 -4.50
CA ASP D 118 -28.45 6.28 -4.96
C ASP D 118 -28.07 5.35 -3.83
N LEU D 119 -27.46 5.91 -2.78
CA LEU D 119 -27.04 5.09 -1.65
C LEU D 119 -28.23 4.34 -1.05
N LEU D 120 -29.43 4.85 -1.26
CA LEU D 120 -30.63 4.18 -0.74
C LEU D 120 -30.96 2.94 -1.57
N GLY D 121 -30.28 2.79 -2.70
CA GLY D 121 -30.49 1.64 -3.56
C GLY D 121 -29.64 0.46 -3.14
N TYR D 122 -29.01 0.59 -1.97
CA TYR D 122 -28.19 -0.48 -1.38
C TYR D 122 -28.65 -0.67 0.05
N PRO D 123 -28.64 -1.92 0.53
CA PRO D 123 -29.05 -2.26 1.89
C PRO D 123 -27.95 -1.83 2.89
N GLU D 124 -26.69 -1.86 2.45
CA GLU D 124 -25.58 -1.49 3.31
C GLU D 124 -24.61 -0.59 2.56
N VAL D 125 -23.89 0.25 3.29
CA VAL D 125 -22.92 1.18 2.72
C VAL D 125 -21.79 1.36 3.70
N TRP D 126 -20.64 1.79 3.19
CA TRP D 126 -19.45 1.98 4.02
C TRP D 126 -18.99 3.43 4.01
N ALA D 127 -18.95 4.05 5.19
CA ALA D 127 -18.55 5.45 5.31
C ALA D 127 -17.16 5.59 5.91
N ALA D 128 -16.54 6.75 5.67
CA ALA D 128 -15.21 7.03 6.18
C ALA D 128 -15.21 7.10 7.71
N GLY D 129 -14.12 6.65 8.34
CA GLY D 129 -14.04 6.69 9.79
C GLY D 129 -12.94 7.56 10.39
N GLY D 130 -12.60 8.67 9.73
CA GLY D 130 -11.57 9.55 10.25
C GLY D 130 -10.37 9.70 9.33
N THR D 131 -9.75 8.58 9.00
CA THR D 131 -8.58 8.60 8.14
C THR D 131 -8.98 8.10 6.76
N PRO D 132 -8.06 8.18 5.80
CA PRO D 132 -8.35 7.70 4.45
C PRO D 132 -8.63 6.18 4.37
N ARG D 133 -8.47 5.43 5.48
CA ARG D 133 -8.76 4.00 5.41
C ARG D 133 -9.48 3.52 6.60
N ALA D 134 -10.30 4.41 7.18
CA ALA D 134 -11.05 4.00 8.31
C ALA D 134 -12.47 3.93 7.70
N LEU D 135 -13.26 2.91 8.06
CA LEU D 135 -14.60 2.77 7.54
C LEU D 135 -15.49 2.14 8.61
N PHE D 136 -16.79 2.25 8.41
CA PHE D 136 -17.76 1.64 9.32
C PHE D 136 -19.02 1.37 8.52
N ARG D 137 -19.51 0.14 8.61
CA ARG D 137 -20.69 -0.27 7.89
C ARG D 137 -21.95 0.32 8.50
N ALA D 138 -22.95 0.60 7.66
CA ALA D 138 -24.21 1.15 8.12
C ALA D 138 -25.24 1.17 6.99
N THR D 139 -26.50 0.92 7.35
CA THR D 139 -27.55 0.96 6.35
C THR D 139 -27.69 2.43 5.95
N PRO D 140 -28.03 2.69 4.68
CA PRO D 140 -28.19 4.07 4.21
C PRO D 140 -29.23 4.78 5.05
N LYS D 141 -30.18 4.00 5.55
CA LYS D 141 -31.24 4.51 6.40
C LYS D 141 -30.60 5.06 7.67
N GLU D 142 -29.85 4.21 8.35
CA GLU D 142 -29.17 4.59 9.59
C GLU D 142 -28.34 5.82 9.34
N LEU D 143 -27.71 5.82 8.18
CA LEU D 143 -26.86 6.91 7.74
C LEU D 143 -27.59 8.29 7.67
N LEU D 144 -28.85 8.27 7.28
CA LEU D 144 -29.61 9.52 7.19
C LEU D 144 -29.85 10.01 8.60
N ALA D 145 -30.32 9.11 9.46
CA ALA D 145 -30.60 9.42 10.85
C ALA D 145 -29.41 10.08 11.53
N LEU D 146 -28.24 9.55 11.25
CA LEU D 146 -27.01 10.03 11.84
C LEU D 146 -26.65 11.48 11.47
N THR D 147 -27.00 11.85 10.25
CA THR D 147 -26.65 13.16 9.72
C THR D 147 -27.80 14.15 9.55
N GLY D 148 -29.04 13.70 9.78
CA GLY D 148 -30.18 14.59 9.61
C GLY D 148 -30.11 15.18 8.22
N ALA D 149 -29.41 14.47 7.34
CA ALA D 149 -29.19 14.86 5.96
C ALA D 149 -30.42 14.83 5.07
N GLN D 150 -30.34 15.54 3.95
CA GLN D 150 -31.44 15.62 2.99
C GLN D 150 -31.10 14.79 1.75
N VAL D 151 -31.93 13.79 1.47
CA VAL D 151 -31.70 12.93 0.31
C VAL D 151 -32.12 13.64 -0.96
N ALA D 152 -31.18 13.72 -1.90
CA ALA D 152 -31.44 14.43 -3.13
C ALA D 152 -30.77 13.77 -4.33
N ASP D 153 -31.19 14.21 -5.50
CA ASP D 153 -30.62 13.74 -6.74
C ASP D 153 -29.36 14.59 -6.87
N LEU D 154 -28.20 13.96 -6.70
CA LEU D 154 -26.93 14.68 -6.77
C LEU D 154 -26.00 14.38 -7.94
N LYS D 155 -26.01 13.14 -8.42
CA LYS D 155 -25.12 12.72 -9.49
C LYS D 155 -25.19 13.40 -10.85
N GLU D 156 -24.10 13.27 -11.59
CA GLU D 156 -24.03 13.81 -12.95
C GLU D 156 -24.60 12.74 -13.87
N GLY D 157 -25.51 13.14 -14.75
CA GLY D 157 -26.11 12.18 -15.66
C GLY D 157 -27.62 12.16 -15.44
C1 GOL E . 26.25 15.36 -15.93
O1 GOL E . 27.02 16.32 -16.65
C2 GOL E . 27.11 14.71 -14.85
O2 GOL E . 27.59 15.72 -13.95
C3 GOL E . 26.26 13.67 -14.10
O3 GOL E . 27.04 13.06 -13.09
#